data_9LQG
#
_entry.id   9LQG
#
_cell.length_a   94.653
_cell.length_b   54.424
_cell.length_c   70.272
_cell.angle_alpha   90.00
_cell.angle_beta   95.03
_cell.angle_gamma   90.00
#
_symmetry.space_group_name_H-M   'C 1 2 1'
#
loop_
_entity.id
_entity.type
_entity.pdbx_description
1 polymer 'SAM lyase'
2 non-polymer '[(2~{R},3~{S},4~{R},5~{R})-5-(6-aminopurin-9-yl)-3,4-bis(oxidanyl)oxolan-2-yl]methyl [(2~{S},3~{S},4~{R},5~{R})-5-(6-aminopurin-9-yl)-2-(methylsulfanylmethyl)-4-oxidanyl-oxolan-3-yl] hydrogen phosphate'
3 non-polymer GLYCEROL
4 water water
#
_entity_poly.entity_id   1
_entity_poly.type   'polypeptide(L)'
_entity_poly.pdbx_seq_one_letter_code
;SMGKTLRFEIVSGVNKGYFHTNSQSESLDLVGGIWQKIAKEEFEKSNIYVSAVIKPSKTVYNQEWGCPENGEETVVLTGV
ANEEFVDDIEKWKDTVIKLAKELKNQMKQSTLTCEFIETELHYFK
;
_entity_poly.pdbx_strand_id   A,B,C
#
# COMPACT_ATOMS: atom_id res chain seq x y z
N MET A 2 -8.71 3.06 19.80
CA MET A 2 -9.01 1.75 19.14
C MET A 2 -10.41 1.83 18.52
N GLY A 3 -10.62 2.81 17.64
CA GLY A 3 -11.92 2.94 16.95
C GLY A 3 -12.06 1.99 15.76
N LYS A 4 -12.97 1.03 15.86
CA LYS A 4 -13.25 0.05 14.77
C LYS A 4 -13.97 0.75 13.62
N THR A 5 -13.40 0.64 12.43
CA THR A 5 -13.91 1.39 11.27
C THR A 5 -13.58 0.65 9.99
N LEU A 6 -13.72 1.35 8.90
CA LEU A 6 -13.49 0.76 7.59
C LEU A 6 -12.43 1.56 6.84
N ARG A 7 -11.63 0.86 6.06
CA ARG A 7 -10.77 1.50 5.08
C ARG A 7 -11.18 1.00 3.69
N PHE A 8 -10.88 1.81 2.69
CA PHE A 8 -11.10 1.41 1.31
C PHE A 8 -9.80 1.36 0.54
N GLU A 9 -9.82 0.58 -0.53
CA GLU A 9 -8.75 0.61 -1.50
C GLU A 9 -9.35 0.53 -2.89
N ILE A 10 -8.95 1.47 -3.75
CA ILE A 10 -9.37 1.51 -5.14
C ILE A 10 -8.13 1.40 -6.00
N VAL A 11 -8.23 0.63 -7.08
CA VAL A 11 -7.14 0.56 -8.06
C VAL A 11 -7.69 1.06 -9.38
N SER A 12 -6.99 2.01 -9.99
CA SER A 12 -7.41 2.54 -11.28
C SER A 12 -6.25 2.59 -12.25
N GLY A 13 -6.52 2.29 -13.52
CA GLY A 13 -5.61 2.65 -14.57
C GLY A 13 -5.55 4.15 -14.75
N VAL A 14 -4.60 4.59 -15.58
CA VAL A 14 -4.37 6.02 -15.81
C VAL A 14 -4.64 6.44 -17.25
N ASN A 15 -4.97 5.49 -18.13
CA ASN A 15 -5.41 5.77 -19.50
C ASN A 15 -4.51 6.79 -20.21
N LYS A 16 -3.25 6.40 -20.39
CA LYS A 16 -2.30 7.29 -21.06
C LYS A 16 -2.70 7.53 -22.51
N GLY A 17 -3.45 6.61 -23.12
CA GLY A 17 -3.95 6.83 -24.47
C GLY A 17 -4.92 7.99 -24.57
N TYR A 18 -5.55 8.38 -23.47
CA TYR A 18 -6.52 9.46 -23.45
C TYR A 18 -5.98 10.74 -22.83
N PHE A 19 -5.29 10.64 -21.69
CA PHE A 19 -4.76 11.82 -21.01
C PHE A 19 -3.35 12.18 -21.43
N HIS A 20 -2.63 11.23 -22.05
CA HIS A 20 -1.29 11.50 -22.58
C HIS A 20 -0.33 11.98 -21.51
N THR A 21 -0.43 11.41 -20.31
CA THR A 21 0.56 11.70 -19.28
C THR A 21 1.85 10.94 -19.59
N ASN A 22 2.97 11.54 -19.17
CA ASN A 22 4.29 11.01 -19.51
C ASN A 22 4.92 10.21 -18.37
N SER A 23 4.91 10.74 -17.15
CA SER A 23 5.59 10.16 -16.02
C SER A 23 4.59 9.68 -14.97
N GLN A 24 5.10 8.93 -13.99
CA GLN A 24 4.25 8.51 -12.88
C GLN A 24 3.85 9.67 -11.98
N SER A 25 4.70 10.69 -11.86
CA SER A 25 4.28 11.88 -11.13
C SER A 25 3.13 12.58 -11.84
N GLU A 26 3.15 12.61 -13.17
CA GLU A 26 2.09 13.26 -13.92
C GLU A 26 0.77 12.51 -13.76
N SER A 27 0.80 11.18 -13.81
CA SER A 27 -0.44 10.44 -13.66
C SER A 27 -0.93 10.46 -12.21
N LEU A 28 -0.01 10.52 -11.25
CA LEU A 28 -0.41 10.67 -9.85
C LEU A 28 -1.13 12.00 -9.66
N ASP A 29 -0.60 13.07 -10.24
CA ASP A 29 -1.24 14.37 -10.13
C ASP A 29 -2.58 14.40 -10.87
N LEU A 30 -2.67 13.71 -12.00
CA LEU A 30 -3.92 13.61 -12.73
C LEU A 30 -5.00 12.96 -11.87
N VAL A 31 -4.72 11.78 -11.34
CA VAL A 31 -5.70 11.10 -10.49
C VAL A 31 -5.98 11.91 -9.23
N GLY A 32 -4.94 12.47 -8.61
CA GLY A 32 -5.17 13.27 -7.40
C GLY A 32 -6.06 14.46 -7.65
N GLY A 33 -5.87 15.15 -8.78
CA GLY A 33 -6.71 16.30 -9.08
C GLY A 33 -8.15 15.90 -9.31
N ILE A 34 -8.38 14.77 -9.99
CA ILE A 34 -9.75 14.31 -10.21
C ILE A 34 -10.40 13.93 -8.88
N TRP A 35 -9.68 13.19 -8.03
CA TRP A 35 -10.23 12.84 -6.73
C TRP A 35 -10.55 14.09 -5.92
N GLN A 36 -9.63 15.05 -5.93
CA GLN A 36 -9.86 16.28 -5.18
C GLN A 36 -11.15 16.96 -5.60
N LYS A 37 -11.42 17.00 -6.90
CA LYS A 37 -12.65 17.63 -7.38
C LYS A 37 -13.88 16.83 -6.99
N ILE A 38 -13.87 15.51 -7.24
CA ILE A 38 -15.09 14.75 -6.94
C ILE A 38 -15.35 14.66 -5.44
N ALA A 39 -14.30 14.57 -4.63
CA ALA A 39 -14.49 14.55 -3.18
C ALA A 39 -15.11 15.85 -2.69
N LYS A 40 -14.67 16.98 -3.24
CA LYS A 40 -15.25 18.26 -2.84
C LYS A 40 -16.71 18.34 -3.26
N GLU A 41 -17.01 17.91 -4.48
CA GLU A 41 -18.39 17.95 -4.95
C GLU A 41 -19.31 17.14 -4.06
N GLU A 42 -18.88 15.96 -3.66
CA GLU A 42 -19.74 15.15 -2.80
C GLU A 42 -19.83 15.76 -1.41
N PHE A 43 -18.73 16.33 -0.91
CA PHE A 43 -18.73 17.00 0.38
C PHE A 43 -19.76 18.13 0.43
N GLU A 44 -19.92 18.86 -0.68
CA GLU A 44 -20.93 19.92 -0.73
C GLU A 44 -22.34 19.38 -0.64
N LYS A 45 -22.57 18.16 -1.13
CA LYS A 45 -23.92 17.61 -1.13
C LYS A 45 -24.29 16.90 0.15
N SER A 46 -23.33 16.23 0.80
CA SER A 46 -23.63 15.35 1.92
C SER A 46 -22.90 15.74 3.19
N ASN A 47 -21.98 16.71 3.14
CA ASN A 47 -21.13 17.06 4.26
C ASN A 47 -20.17 15.94 4.64
N ILE A 48 -19.93 14.97 3.76
CA ILE A 48 -18.94 13.93 3.98
C ILE A 48 -17.80 14.14 2.99
N TYR A 49 -16.61 14.38 3.51
CA TYR A 49 -15.41 14.52 2.69
C TYR A 49 -14.59 13.25 2.81
N VAL A 50 -14.35 12.59 1.68
CA VAL A 50 -13.53 11.39 1.63
C VAL A 50 -12.16 11.77 1.08
N SER A 51 -11.16 11.82 1.96
CA SER A 51 -9.80 12.01 1.52
C SER A 51 -9.21 10.69 1.02
N ALA A 52 -8.12 10.79 0.28
CA ALA A 52 -7.52 9.59 -0.28
C ALA A 52 -6.01 9.72 -0.31
N VAL A 53 -5.33 8.68 0.16
CA VAL A 53 -3.90 8.52 -0.07
C VAL A 53 -3.74 7.85 -1.42
N ILE A 54 -2.89 8.41 -2.28
CA ILE A 54 -2.71 7.90 -3.63
C ILE A 54 -1.27 7.46 -3.81
N LYS A 55 -1.08 6.29 -4.40
CA LYS A 55 0.23 5.68 -4.50
C LYS A 55 0.50 5.28 -5.94
N PRO A 56 1.72 5.50 -6.43
CA PRO A 56 2.08 4.98 -7.75
C PRO A 56 2.23 3.47 -7.69
N SER A 57 1.98 2.84 -8.83
CA SER A 57 2.00 1.38 -8.87
C SER A 57 2.01 0.95 -10.32
N LYS A 58 2.23 -0.34 -10.53
CA LYS A 58 1.91 -1.00 -11.77
C LYS A 58 1.04 -2.20 -11.45
N THR A 59 0.21 -2.61 -12.40
CA THR A 59 -0.62 -3.77 -12.21
C THR A 59 -0.27 -4.80 -13.28
N VAL A 60 0.07 -6.00 -12.84
CA VAL A 60 0.55 -7.05 -13.71
C VAL A 60 -0.60 -8.01 -13.99
N TYR A 61 -0.95 -8.16 -15.25
CA TYR A 61 -1.92 -9.15 -15.68
C TYR A 61 -1.50 -9.67 -17.06
N ASN A 62 -2.33 -10.48 -17.67
CA ASN A 62 -1.93 -11.17 -18.90
C ASN A 62 -1.78 -10.16 -20.03
N GLN A 63 -0.68 -10.28 -20.79
CA GLN A 63 -0.49 -9.40 -21.95
C GLN A 63 -1.60 -9.56 -22.98
N GLU A 64 -2.20 -10.75 -23.09
CA GLU A 64 -3.27 -10.93 -24.06
C GLU A 64 -4.53 -10.15 -23.71
N TRP A 65 -4.65 -9.70 -22.47
CA TRP A 65 -5.77 -8.89 -22.02
C TRP A 65 -5.48 -7.41 -22.10
N GLY A 66 -4.32 -7.04 -22.62
CA GLY A 66 -3.96 -5.65 -22.80
C GLY A 66 -2.86 -5.14 -21.88
N CYS A 67 -2.34 -5.98 -20.99
CA CYS A 67 -1.32 -5.51 -20.07
C CYS A 67 0.00 -5.34 -20.80
N PRO A 68 0.68 -4.21 -20.65
CA PRO A 68 2.05 -4.10 -21.19
C PRO A 68 2.95 -5.11 -20.51
N GLU A 69 4.04 -5.46 -21.19
CA GLU A 69 5.07 -6.25 -20.53
C GLU A 69 5.52 -5.53 -19.26
N ASN A 70 5.55 -6.28 -18.17
CA ASN A 70 6.00 -5.85 -16.83
C ASN A 70 4.94 -5.06 -16.07
N GLY A 71 3.76 -4.81 -16.64
CA GLY A 71 2.69 -4.20 -15.89
C GLY A 71 2.15 -2.90 -16.45
N GLU A 72 0.88 -2.63 -16.14
CA GLU A 72 0.22 -1.40 -16.55
C GLU A 72 0.37 -0.34 -15.46
N GLU A 73 0.66 0.89 -15.87
CA GLU A 73 0.74 1.98 -14.89
C GLU A 73 -0.63 2.19 -14.24
N THR A 74 -0.66 2.20 -12.91
CA THR A 74 -1.91 2.31 -12.16
C THR A 74 -1.70 3.22 -10.96
N VAL A 75 -2.80 3.64 -10.36
CA VAL A 75 -2.77 4.37 -9.11
C VAL A 75 -3.64 3.63 -8.10
N VAL A 76 -3.15 3.53 -6.87
CA VAL A 76 -3.88 2.92 -5.77
C VAL A 76 -4.33 4.04 -4.84
N LEU A 77 -5.63 4.08 -4.55
CA LEU A 77 -6.20 5.08 -3.64
C LEU A 77 -6.70 4.38 -2.40
N THR A 78 -6.39 4.92 -1.23
CA THR A 78 -6.89 4.35 0.01
C THR A 78 -7.41 5.45 0.90
N GLY A 79 -8.27 5.06 1.83
CA GLY A 79 -8.76 6.01 2.81
C GLY A 79 -9.40 5.25 3.94
N VAL A 80 -9.81 5.99 4.95
CA VAL A 80 -10.30 5.38 6.18
C VAL A 80 -11.30 6.33 6.82
N ALA A 81 -12.39 5.77 7.33
CA ALA A 81 -13.44 6.57 7.95
C ALA A 81 -13.01 6.96 9.34
N ASN A 82 -12.86 8.25 9.57
CA ASN A 82 -12.45 8.77 10.87
C ASN A 82 -13.69 9.33 11.56
N GLU A 83 -14.03 8.78 12.73
CA GLU A 83 -15.24 9.19 13.43
C GLU A 83 -15.23 10.65 13.85
N GLU A 84 -14.06 11.30 13.84
CA GLU A 84 -14.05 12.74 14.14
C GLU A 84 -14.64 13.56 12.99
N PHE A 85 -14.72 12.99 11.80
CA PHE A 85 -15.18 13.70 10.62
C PHE A 85 -16.51 13.18 10.07
N VAL A 86 -16.83 11.91 10.28
CA VAL A 86 -18.06 11.33 9.76
C VAL A 86 -18.66 10.46 10.84
N ASP A 87 -19.96 10.60 11.07
CA ASP A 87 -20.60 9.92 12.18
C ASP A 87 -21.37 8.68 11.77
N ASP A 88 -21.43 8.36 10.48
CA ASP A 88 -22.23 7.25 9.97
C ASP A 88 -21.36 6.46 8.98
N ILE A 89 -20.94 5.26 9.40
CA ILE A 89 -20.03 4.45 8.60
C ILE A 89 -20.68 4.00 7.28
N GLU A 90 -21.97 3.64 7.33
CA GLU A 90 -22.66 3.21 6.12
C GLU A 90 -22.72 4.33 5.10
N LYS A 91 -23.05 5.54 5.55
CA LYS A 91 -23.10 6.67 4.64
C LYS A 91 -21.73 6.94 4.05
N TRP A 92 -20.69 6.83 4.87
CA TRP A 92 -19.33 6.99 4.36
C TRP A 92 -19.03 5.94 3.30
N LYS A 93 -19.39 4.68 3.56
CA LYS A 93 -19.15 3.61 2.61
C LYS A 93 -19.90 3.86 1.31
N ASP A 94 -21.18 4.26 1.41
CA ASP A 94 -21.94 4.58 0.20
C ASP A 94 -21.29 5.72 -0.56
N THR A 95 -20.72 6.69 0.16
CA THR A 95 -20.04 7.80 -0.48
C THR A 95 -18.80 7.33 -1.23
N VAL A 96 -18.01 6.45 -0.62
CA VAL A 96 -16.82 5.91 -1.27
C VAL A 96 -17.21 5.20 -2.56
N ILE A 97 -18.28 4.40 -2.50
CA ILE A 97 -18.73 3.69 -3.70
C ILE A 97 -19.13 4.66 -4.79
N LYS A 98 -19.88 5.70 -4.42
CA LYS A 98 -20.26 6.72 -5.39
C LYS A 98 -19.04 7.38 -6.02
N LEU A 99 -18.04 7.73 -5.20
CA LEU A 99 -16.82 8.34 -5.71
C LEU A 99 -16.02 7.38 -6.58
N ALA A 100 -15.98 6.09 -6.21
CA ALA A 100 -15.27 5.11 -7.01
C ALA A 100 -15.88 5.01 -8.40
N LYS A 101 -17.21 4.99 -8.47
CA LYS A 101 -17.86 4.93 -9.79
C LYS A 101 -17.60 6.20 -10.58
N GLU A 102 -17.57 7.35 -9.92
CA GLU A 102 -17.26 8.59 -10.63
C GLU A 102 -15.82 8.61 -11.10
N LEU A 103 -14.89 8.11 -10.29
CA LEU A 103 -13.50 8.03 -10.71
C LEU A 103 -13.35 7.13 -11.93
N LYS A 104 -14.00 5.98 -11.91
CA LYS A 104 -13.99 5.09 -13.07
C LYS A 104 -14.41 5.81 -14.33
N ASN A 105 -15.50 6.58 -14.23
CA ASN A 105 -16.04 7.27 -15.40
C ASN A 105 -15.09 8.36 -15.87
N GLN A 106 -14.56 9.16 -14.94
CA GLN A 106 -13.69 10.27 -15.34
C GLN A 106 -12.33 9.80 -15.83
N MET A 107 -11.83 8.69 -15.30
CA MET A 107 -10.59 8.10 -15.79
C MET A 107 -10.81 7.27 -17.03
N LYS A 108 -12.05 7.20 -17.54
CA LYS A 108 -12.37 6.44 -18.75
C LYS A 108 -11.90 5.00 -18.66
N GLN A 109 -12.15 4.37 -17.52
CA GLN A 109 -11.73 3.00 -17.26
C GLN A 109 -12.87 2.03 -17.53
N SER A 110 -12.55 0.91 -18.18
CA SER A 110 -13.54 -0.12 -18.43
C SER A 110 -13.95 -0.84 -17.16
N THR A 111 -13.02 -0.97 -16.20
CA THR A 111 -13.29 -1.67 -14.95
C THR A 111 -12.60 -0.92 -13.82
N LEU A 112 -13.01 -1.22 -12.59
CA LEU A 112 -12.38 -0.63 -11.43
C LEU A 112 -12.72 -1.51 -10.24
N THR A 113 -11.77 -1.65 -9.31
CA THR A 113 -12.00 -2.37 -8.07
C THR A 113 -12.06 -1.39 -6.90
N CYS A 114 -12.96 -1.67 -5.97
CA CYS A 114 -13.07 -0.92 -4.73
C CYS A 114 -13.30 -1.92 -3.61
N GLU A 115 -12.36 -1.99 -2.67
CA GLU A 115 -12.45 -2.92 -1.55
C GLU A 115 -12.68 -2.18 -0.25
N PHE A 116 -13.35 -2.86 0.68
CA PHE A 116 -13.48 -2.38 2.05
C PHE A 116 -12.89 -3.41 3.00
N ILE A 117 -12.10 -2.92 3.94
CA ILE A 117 -11.39 -3.74 4.90
C ILE A 117 -11.64 -3.17 6.29
N GLU A 118 -11.91 -4.03 7.27
CA GLU A 118 -12.05 -3.57 8.64
C GLU A 118 -10.70 -3.17 9.20
N THR A 119 -10.69 -2.09 9.95
CA THR A 119 -9.45 -1.54 10.50
C THR A 119 -9.75 -0.88 11.83
N GLU A 120 -8.72 -0.72 12.64
CA GLU A 120 -8.82 -0.02 13.91
C GLU A 120 -7.96 1.23 13.79
N LEU A 121 -8.59 2.38 13.80
CA LEU A 121 -7.91 3.64 13.54
C LEU A 121 -7.55 4.35 14.83
N HIS A 122 -6.28 4.72 14.97
CA HIS A 122 -5.79 5.60 16.02
C HIS A 122 -5.39 6.91 15.36
N TYR A 123 -6.02 7.99 15.78
CA TYR A 123 -5.82 9.30 15.19
C TYR A 123 -5.16 10.18 16.24
N PHE A 124 -3.95 10.65 15.94
CA PHE A 124 -3.21 11.48 16.88
C PHE A 124 -3.27 12.92 16.40
N LYS A 125 -3.61 13.83 17.30
CA LYS A 125 -3.80 15.24 16.95
C LYS A 125 -3.31 16.13 18.07
N GLY B 3 -19.70 -9.94 -1.77
CA GLY B 3 -18.37 -9.73 -2.30
C GLY B 3 -17.27 -10.04 -1.30
N LYS B 4 -17.57 -10.86 -0.30
CA LYS B 4 -16.56 -11.22 0.69
C LYS B 4 -15.50 -12.11 0.06
N THR B 5 -14.23 -11.77 0.29
CA THR B 5 -13.14 -12.44 -0.41
C THR B 5 -11.85 -12.20 0.36
N LEU B 6 -10.72 -12.50 -0.28
CA LEU B 6 -9.41 -12.39 0.33
C LEU B 6 -8.51 -11.55 -0.54
N ARG B 7 -7.66 -10.75 0.09
CA ARG B 7 -6.56 -10.12 -0.60
C ARG B 7 -5.24 -10.63 -0.05
N PHE B 8 -4.19 -10.53 -0.85
CA PHE B 8 -2.86 -10.90 -0.39
C PHE B 8 -1.95 -9.69 -0.45
N GLU B 9 -0.90 -9.75 0.38
CA GLU B 9 0.21 -8.82 0.27
C GLU B 9 1.52 -9.57 0.46
N ILE B 10 2.44 -9.36 -0.47
CA ILE B 10 3.77 -9.96 -0.46
C ILE B 10 4.79 -8.84 -0.46
N VAL B 11 5.83 -8.97 0.34
CA VAL B 11 6.94 -8.03 0.30
C VAL B 11 8.19 -8.81 -0.09
N SER B 12 8.91 -8.33 -1.09
CA SER B 12 10.13 -8.98 -1.55
C SER B 12 11.24 -7.96 -1.72
N GLY B 13 12.47 -8.38 -1.39
CA GLY B 13 13.63 -7.66 -1.86
C GLY B 13 13.82 -7.80 -3.36
N VAL B 14 14.74 -7.01 -3.91
CA VAL B 14 14.96 -6.99 -5.34
C VAL B 14 16.33 -7.52 -5.74
N ASN B 15 17.15 -7.90 -4.77
CA ASN B 15 18.42 -8.61 -5.00
C ASN B 15 19.28 -7.94 -6.07
N LYS B 16 19.69 -6.72 -5.74
CA LYS B 16 20.58 -5.96 -6.61
C LYS B 16 21.85 -6.74 -6.94
N GLY B 17 22.41 -7.44 -5.95
CA GLY B 17 23.65 -8.16 -6.18
C GLY B 17 23.53 -9.31 -7.16
N TYR B 18 22.32 -9.81 -7.38
CA TYR B 18 22.08 -10.91 -8.30
C TYR B 18 21.63 -10.44 -9.67
N PHE B 19 20.71 -9.46 -9.73
CA PHE B 19 20.15 -8.99 -10.99
C PHE B 19 20.82 -7.71 -11.52
N HIS B 20 21.46 -6.93 -10.64
CA HIS B 20 22.22 -5.75 -11.05
C HIS B 20 21.33 -4.63 -11.61
N THR B 21 20.14 -4.46 -11.05
CA THR B 21 19.33 -3.30 -11.40
C THR B 21 19.91 -2.04 -10.79
N ASN B 22 19.54 -0.89 -11.35
CA ASN B 22 20.14 0.38 -10.95
C ASN B 22 19.14 1.46 -10.54
N SER B 23 17.85 1.16 -10.49
CA SER B 23 16.87 2.16 -10.10
C SER B 23 15.64 1.44 -9.56
N GLN B 24 14.83 2.19 -8.80
CA GLN B 24 13.58 1.65 -8.30
C GLN B 24 12.65 1.25 -9.44
N SER B 25 12.64 2.03 -10.53
CA SER B 25 11.78 1.68 -11.65
C SER B 25 12.23 0.39 -12.32
N GLU B 26 13.55 0.19 -12.45
CA GLU B 26 14.06 -1.04 -13.06
C GLU B 26 13.74 -2.26 -12.20
N SER B 27 13.92 -2.16 -10.89
CA SER B 27 13.60 -3.28 -10.02
C SER B 27 12.10 -3.54 -9.98
N LEU B 28 11.29 -2.49 -10.11
CA LEU B 28 9.85 -2.69 -10.20
C LEU B 28 9.50 -3.49 -11.46
N ASP B 29 10.11 -3.15 -12.59
CA ASP B 29 9.84 -3.89 -13.82
C ASP B 29 10.40 -5.30 -13.77
N LEU B 30 11.55 -5.49 -13.10
CA LEU B 30 12.08 -6.83 -12.90
C LEU B 30 11.09 -7.70 -12.16
N VAL B 31 10.58 -7.24 -11.03
CA VAL B 31 9.61 -8.03 -10.27
C VAL B 31 8.32 -8.18 -11.05
N GLY B 32 7.88 -7.12 -11.73
CA GLY B 32 6.70 -7.21 -12.56
C GLY B 32 6.82 -8.29 -13.63
N GLY B 33 7.96 -8.33 -14.32
CA GLY B 33 8.16 -9.35 -15.33
C GLY B 33 8.18 -10.75 -14.76
N ILE B 34 8.84 -10.93 -13.61
CA ILE B 34 8.87 -12.24 -12.97
C ILE B 34 7.46 -12.68 -12.57
N TRP B 35 6.70 -11.77 -11.94
CA TRP B 35 5.33 -12.11 -11.58
C TRP B 35 4.52 -12.45 -12.82
N GLN B 36 4.64 -11.64 -13.87
CA GLN B 36 3.88 -11.88 -15.10
C GLN B 36 4.16 -13.27 -15.65
N LYS B 37 5.42 -13.71 -15.58
CA LYS B 37 5.78 -15.02 -16.09
C LYS B 37 5.25 -16.14 -15.20
N ILE B 38 5.48 -16.05 -13.89
CA ILE B 38 5.00 -17.14 -13.02
C ILE B 38 3.48 -17.19 -13.00
N ALA B 39 2.80 -16.05 -13.06
CA ALA B 39 1.35 -16.06 -13.10
C ALA B 39 0.84 -16.74 -14.37
N LYS B 40 1.44 -16.43 -15.51
CA LYS B 40 1.04 -17.08 -16.75
C LYS B 40 1.32 -18.58 -16.70
N GLU B 41 2.48 -18.96 -16.18
CA GLU B 41 2.81 -20.38 -16.12
C GLU B 41 1.80 -21.14 -15.27
N GLU B 42 1.39 -20.56 -14.14
CA GLU B 42 0.41 -21.23 -13.31
C GLU B 42 -0.97 -21.24 -13.98
N PHE B 43 -1.33 -20.14 -14.64
CA PHE B 43 -2.60 -20.04 -15.35
C PHE B 43 -2.72 -21.13 -16.41
N GLU B 44 -1.62 -21.47 -17.06
CA GLU B 44 -1.62 -22.54 -18.05
C GLU B 44 -1.86 -23.91 -17.43
N LYS B 45 -1.47 -24.11 -16.18
CA LYS B 45 -1.62 -25.39 -15.51
C LYS B 45 -2.97 -25.56 -14.82
N SER B 46 -3.54 -24.48 -14.28
CA SER B 46 -4.73 -24.58 -13.46
C SER B 46 -5.89 -23.72 -13.94
N ASN B 47 -5.70 -22.89 -14.95
CA ASN B 47 -6.69 -21.91 -15.39
C ASN B 47 -6.99 -20.83 -14.36
N ILE B 48 -6.16 -20.67 -13.33
CA ILE B 48 -6.29 -19.57 -12.37
C ILE B 48 -5.18 -18.57 -12.67
N TYR B 49 -5.55 -17.34 -12.97
CA TYR B 49 -4.59 -16.27 -13.18
C TYR B 49 -4.62 -15.33 -11.97
N VAL B 50 -3.49 -15.19 -11.29
CA VAL B 50 -3.38 -14.27 -10.16
C VAL B 50 -2.67 -13.00 -10.63
N SER B 51 -3.42 -11.91 -10.77
CA SER B 51 -2.82 -10.61 -11.07
C SER B 51 -2.24 -9.99 -9.80
N ALA B 52 -1.36 -9.02 -9.98
CA ALA B 52 -0.76 -8.36 -8.81
C ALA B 52 -0.56 -6.89 -9.10
N VAL B 53 -0.95 -6.07 -8.13
CA VAL B 53 -0.53 -4.68 -8.11
C VAL B 53 0.84 -4.62 -7.44
N ILE B 54 1.77 -3.90 -8.04
CA ILE B 54 3.13 -3.85 -7.51
C ILE B 54 3.50 -2.40 -7.24
N LYS B 55 4.13 -2.17 -6.09
CA LYS B 55 4.46 -0.83 -5.66
C LYS B 55 5.92 -0.76 -5.25
N PRO B 56 6.58 0.35 -5.58
CA PRO B 56 7.94 0.57 -5.09
C PRO B 56 7.93 0.90 -3.62
N SER B 57 9.03 0.60 -2.94
CA SER B 57 9.09 0.80 -1.49
C SER B 57 10.53 0.71 -1.03
N LYS B 58 10.75 1.17 0.20
CA LYS B 58 11.99 0.90 0.93
C LYS B 58 11.61 0.28 2.25
N THR B 59 12.31 -0.79 2.63
CA THR B 59 12.06 -1.47 3.89
C THR B 59 13.19 -1.16 4.85
N VAL B 60 12.86 -0.71 6.05
N VAL B 60 12.84 -0.71 6.06
CA VAL B 60 13.86 -0.33 7.04
CA VAL B 60 13.79 -0.32 7.09
C VAL B 60 13.85 -1.34 8.17
C VAL B 60 13.84 -1.39 8.16
N TYR B 61 15.04 -1.87 8.47
CA TYR B 61 15.28 -2.73 9.60
C TYR B 61 16.67 -2.42 10.11
N ASN B 62 17.16 -3.20 11.07
CA ASN B 62 18.42 -2.84 11.72
C ASN B 62 19.60 -2.98 10.76
N GLN B 63 20.43 -1.94 10.67
CA GLN B 63 21.64 -2.03 9.85
C GLN B 63 22.55 -3.15 10.30
N GLU B 64 22.50 -3.50 11.58
CA GLU B 64 23.30 -4.60 12.08
C GLU B 64 22.95 -5.91 11.37
N TRP B 65 21.71 -6.05 10.91
CA TRP B 65 21.26 -7.24 10.20
C TRP B 65 21.42 -7.13 8.69
N GLY B 66 22.10 -6.09 8.22
CA GLY B 66 22.34 -5.94 6.80
C GLY B 66 21.48 -4.93 6.09
N CYS B 67 20.57 -4.25 6.78
CA CYS B 67 19.79 -3.21 6.11
C CYS B 67 20.72 -2.10 5.67
N PRO B 68 20.64 -1.63 4.43
CA PRO B 68 21.44 -0.49 4.00
C PRO B 68 21.08 0.76 4.80
N GLU B 69 22.03 1.70 4.84
CA GLU B 69 21.82 2.94 5.56
C GLU B 69 20.52 3.62 5.13
N ASN B 70 20.26 3.66 3.82
CA ASN B 70 19.07 4.32 3.31
C ASN B 70 17.91 3.37 3.08
N GLY B 71 17.94 2.21 3.74
CA GLY B 71 16.87 1.25 3.61
C GLY B 71 17.06 0.34 2.41
N GLU B 72 16.38 -0.80 2.46
CA GLU B 72 16.47 -1.79 1.39
C GLU B 72 15.39 -1.56 0.36
N GLU B 73 15.76 -1.49 -0.90
CA GLU B 73 14.78 -1.40 -1.97
C GLU B 73 13.94 -2.67 -2.01
N THR B 74 12.61 -2.51 -1.95
CA THR B 74 11.70 -3.64 -1.91
C THR B 74 10.52 -3.38 -2.84
N VAL B 75 9.78 -4.43 -3.16
CA VAL B 75 8.56 -4.32 -3.93
C VAL B 75 7.45 -4.97 -3.13
N VAL B 76 6.30 -4.29 -3.05
CA VAL B 76 5.11 -4.82 -2.42
C VAL B 76 4.15 -5.25 -3.53
N LEU B 77 3.67 -6.47 -3.45
CA LEU B 77 2.72 -7.02 -4.41
C LEU B 77 1.42 -7.32 -3.68
N THR B 78 0.30 -6.93 -4.27
CA THR B 78 -0.99 -7.21 -3.68
C THR B 78 -1.93 -7.74 -4.73
N GLY B 79 -2.97 -8.42 -4.27
CA GLY B 79 -3.98 -8.89 -5.19
C GLY B 79 -5.21 -9.27 -4.41
N VAL B 80 -6.26 -9.61 -5.15
CA VAL B 80 -7.56 -9.87 -4.53
C VAL B 80 -8.29 -10.89 -5.40
N ALA B 81 -8.95 -11.84 -4.75
CA ALA B 81 -9.68 -12.88 -5.46
C ALA B 81 -11.02 -12.32 -5.93
N ASN B 82 -11.21 -12.27 -7.23
CA ASN B 82 -12.46 -11.80 -7.83
C ASN B 82 -13.25 -13.01 -8.30
N GLU B 83 -14.45 -13.19 -7.74
CA GLU B 83 -15.27 -14.35 -8.05
C GLU B 83 -15.64 -14.45 -9.53
N GLU B 84 -15.50 -13.36 -10.29
CA GLU B 84 -15.73 -13.44 -11.73
C GLU B 84 -14.65 -14.24 -12.43
N PHE B 85 -13.46 -14.35 -11.84
CA PHE B 85 -12.31 -14.95 -12.48
C PHE B 85 -11.85 -16.25 -11.84
N VAL B 86 -12.21 -16.50 -10.59
CA VAL B 86 -11.83 -17.73 -9.91
C VAL B 86 -13.04 -18.24 -9.15
N ASP B 87 -13.27 -19.54 -9.20
CA ASP B 87 -14.49 -20.13 -8.67
C ASP B 87 -14.34 -20.66 -7.25
N ASP B 88 -13.15 -20.58 -6.67
CA ASP B 88 -12.94 -21.12 -5.34
C ASP B 88 -11.84 -20.30 -4.66
N ILE B 89 -12.23 -19.55 -3.63
CA ILE B 89 -11.29 -18.62 -3.00
C ILE B 89 -10.15 -19.38 -2.34
N GLU B 90 -10.45 -20.52 -1.71
CA GLU B 90 -9.39 -21.30 -1.06
C GLU B 90 -8.38 -21.82 -2.09
N LYS B 91 -8.86 -22.23 -3.26
CA LYS B 91 -7.93 -22.65 -4.31
C LYS B 91 -7.08 -21.48 -4.77
N TRP B 92 -7.68 -20.31 -4.89
CA TRP B 92 -6.92 -19.10 -5.20
C TRP B 92 -5.87 -18.82 -4.13
N LYS B 93 -6.24 -18.91 -2.85
CA LYS B 93 -5.28 -18.70 -1.77
C LYS B 93 -4.11 -19.67 -1.87
N ASP B 94 -4.40 -20.94 -2.13
CA ASP B 94 -3.32 -21.91 -2.28
C ASP B 94 -2.44 -21.59 -3.48
N THR B 95 -3.04 -21.05 -4.54
CA THR B 95 -2.26 -20.64 -5.71
C THR B 95 -1.34 -19.47 -5.36
N VAL B 96 -1.85 -18.50 -4.61
CA VAL B 96 -1.02 -17.37 -4.21
C VAL B 96 0.17 -17.84 -3.37
N ILE B 97 -0.08 -18.77 -2.44
CA ILE B 97 1.03 -19.31 -1.64
C ILE B 97 2.07 -19.96 -2.54
N LYS B 98 1.62 -20.75 -3.52
CA LYS B 98 2.55 -21.38 -4.46
C LYS B 98 3.35 -20.34 -5.24
N LEU B 99 2.69 -19.29 -5.71
CA LEU B 99 3.36 -18.24 -6.46
C LEU B 99 4.31 -17.44 -5.57
N ALA B 100 3.94 -17.19 -4.32
CA ALA B 100 4.84 -16.48 -3.40
C ALA B 100 6.13 -17.26 -3.20
N LYS B 101 6.04 -18.58 -3.02
CA LYS B 101 7.24 -19.37 -2.87
C LYS B 101 8.07 -19.36 -4.14
N GLU B 102 7.41 -19.40 -5.30
CA GLU B 102 8.14 -19.30 -6.56
C GLU B 102 8.83 -17.94 -6.69
N LEU B 103 8.13 -16.87 -6.30
CA LEU B 103 8.75 -15.54 -6.36
C LEU B 103 9.97 -15.46 -5.46
N LYS B 104 9.86 -16.01 -4.25
CA LYS B 104 10.99 -16.05 -3.33
C LYS B 104 12.19 -16.73 -3.98
N ASN B 105 11.94 -17.86 -4.64
CA ASN B 105 13.03 -18.60 -5.28
C ASN B 105 13.61 -17.83 -6.47
N GLN B 106 12.73 -17.28 -7.32
CA GLN B 106 13.22 -16.57 -8.50
C GLN B 106 13.94 -15.27 -8.14
N MET B 107 13.54 -14.62 -7.06
CA MET B 107 14.24 -13.42 -6.60
C MET B 107 15.45 -13.75 -5.75
N LYS B 108 15.74 -15.04 -5.51
CA LYS B 108 16.85 -15.49 -4.68
C LYS B 108 16.85 -14.80 -3.32
N GLN B 109 15.67 -14.75 -2.71
CA GLN B 109 15.47 -14.12 -1.42
C GLN B 109 15.58 -15.15 -0.31
N SER B 110 16.26 -14.78 0.77
CA SER B 110 16.36 -15.67 1.92
C SER B 110 15.04 -15.79 2.66
N THR B 111 14.25 -14.71 2.70
CA THR B 111 12.96 -14.72 3.39
C THR B 111 11.95 -14.00 2.52
N LEU B 112 10.66 -14.25 2.83
CA LEU B 112 9.58 -13.54 2.16
C LEU B 112 8.33 -13.62 3.02
N THR B 113 7.55 -12.53 3.05
CA THR B 113 6.28 -12.50 3.76
C THR B 113 5.13 -12.53 2.76
N CYS B 114 4.08 -13.28 3.10
CA CYS B 114 2.87 -13.35 2.31
C CYS B 114 1.70 -13.32 3.29
N GLU B 115 0.90 -12.27 3.24
CA GLU B 115 -0.23 -12.09 4.14
C GLU B 115 -1.54 -12.23 3.40
N PHE B 116 -2.56 -12.69 4.12
CA PHE B 116 -3.92 -12.71 3.62
C PHE B 116 -4.82 -11.92 4.55
N ILE B 117 -5.67 -11.08 3.95
CA ILE B 117 -6.54 -10.19 4.68
C ILE B 117 -7.94 -10.34 4.13
N GLU B 118 -8.93 -10.41 5.01
CA GLU B 118 -10.32 -10.44 4.59
C GLU B 118 -10.72 -9.09 4.01
N THR B 119 -11.45 -9.12 2.90
CA THR B 119 -11.82 -7.90 2.22
C THR B 119 -13.17 -8.10 1.54
N GLU B 120 -13.85 -6.99 1.29
CA GLU B 120 -15.11 -6.99 0.54
C GLU B 120 -14.86 -6.29 -0.78
N LEU B 121 -14.94 -7.04 -1.88
CA LEU B 121 -14.62 -6.52 -3.19
C LEU B 121 -15.86 -6.05 -3.92
N HIS B 122 -15.81 -4.81 -4.41
CA HIS B 122 -16.79 -4.28 -5.35
C HIS B 122 -16.11 -4.12 -6.69
N TYR B 123 -16.62 -4.79 -7.72
CA TYR B 123 -16.01 -4.81 -9.04
C TYR B 123 -16.96 -4.12 -10.00
N PHE B 124 -16.52 -3.00 -10.56
CA PHE B 124 -17.33 -2.23 -11.49
C PHE B 124 -16.85 -2.49 -12.92
N LYS B 125 -17.78 -2.78 -13.82
CA LYS B 125 -17.45 -3.09 -15.20
C LYS B 125 -18.55 -2.60 -16.12
N GLY C 3 -0.97 -18.44 11.93
CA GLY C 3 -0.25 -17.18 11.82
C GLY C 3 -1.15 -15.96 11.77
N LYS C 4 -2.28 -16.02 12.47
CA LYS C 4 -3.12 -14.83 12.67
C LYS C 4 -2.38 -13.79 13.48
N THR C 5 -2.40 -12.55 13.01
CA THR C 5 -1.59 -11.52 13.63
C THR C 5 -2.15 -10.16 13.24
N LEU C 6 -1.37 -9.11 13.45
CA LEU C 6 -1.77 -7.75 13.14
C LEU C 6 -0.75 -7.12 12.23
N ARG C 7 -1.24 -6.27 11.33
CA ARG C 7 -0.38 -5.36 10.60
C ARG C 7 -0.76 -3.94 10.97
N PHE C 8 0.19 -3.04 10.78
CA PHE C 8 -0.06 -1.62 10.98
C PHE C 8 0.09 -0.86 9.67
N GLU C 9 -0.59 0.29 9.61
CA GLU C 9 -0.34 1.26 8.56
C GLU C 9 -0.35 2.65 9.16
N ILE C 10 0.71 3.40 8.91
CA ILE C 10 0.85 4.78 9.37
C ILE C 10 0.97 5.67 8.15
N VAL C 11 0.28 6.80 8.17
CA VAL C 11 0.41 7.79 7.11
C VAL C 11 0.93 9.08 7.74
N SER C 12 1.98 9.66 7.15
CA SER C 12 2.55 10.88 7.65
C SER C 12 2.86 11.84 6.51
N GLY C 13 2.66 13.14 6.77
CA GLY C 13 3.26 14.16 5.94
C GLY C 13 4.77 14.18 6.10
N VAL C 14 5.42 14.90 5.20
CA VAL C 14 6.88 14.92 5.14
C VAL C 14 7.49 16.28 5.43
N ASN C 15 6.69 17.33 5.57
CA ASN C 15 7.13 18.62 6.08
C ASN C 15 8.33 19.15 5.29
N LYS C 16 8.10 19.37 4.00
CA LYS C 16 9.15 19.93 3.15
C LYS C 16 9.56 21.32 3.63
N GLY C 17 8.63 22.05 4.25
CA GLY C 17 8.84 23.35 4.85
C GLY C 17 9.58 23.35 6.17
N TYR C 18 10.10 22.19 6.57
CA TYR C 18 10.95 22.08 7.75
C TYR C 18 12.23 21.29 7.51
N PHE C 19 12.28 20.47 6.46
CA PHE C 19 13.45 19.68 6.12
C PHE C 19 14.07 20.05 4.78
N HIS C 20 13.46 20.98 4.03
CA HIS C 20 14.00 21.47 2.76
C HIS C 20 14.31 20.33 1.78
N THR C 21 13.30 19.51 1.51
CA THR C 21 13.50 18.34 0.60
C THR C 21 12.67 18.53 -0.64
N ASN C 22 12.86 17.65 -1.61
CA ASN C 22 11.95 17.76 -2.77
C ASN C 22 11.42 16.38 -3.21
N SER C 23 12.24 15.46 -3.71
CA SER C 23 11.70 14.26 -4.38
C SER C 23 11.08 13.24 -3.42
N GLN C 24 10.38 12.30 -4.02
CA GLN C 24 9.80 11.26 -3.19
C GLN C 24 10.86 10.27 -2.69
N SER C 25 11.89 10.02 -3.50
CA SER C 25 12.97 9.16 -3.04
C SER C 25 13.69 9.80 -1.86
N GLU C 26 13.88 11.12 -1.89
CA GLU C 26 14.52 11.81 -0.78
C GLU C 26 13.63 11.77 0.46
N SER C 27 12.31 11.83 0.30
CA SER C 27 11.42 11.73 1.44
C SER C 27 11.44 10.34 2.04
N LEU C 28 11.51 9.30 1.19
CA LEU C 28 11.65 7.94 1.71
C LEU C 28 12.93 7.78 2.52
N ASP C 29 14.02 8.44 2.10
CA ASP C 29 15.27 8.33 2.84
C ASP C 29 15.22 9.08 4.16
N LEU C 30 14.57 10.25 4.17
CA LEU C 30 14.44 10.99 5.43
C LEU C 30 13.61 10.22 6.43
N VAL C 31 12.42 9.76 6.02
CA VAL C 31 11.54 9.05 6.94
C VAL C 31 12.14 7.72 7.34
N GLY C 32 12.75 7.02 6.39
CA GLY C 32 13.39 5.75 6.72
C GLY C 32 14.50 5.90 7.73
N GLY C 33 15.30 6.97 7.60
CA GLY C 33 16.37 7.19 8.56
C GLY C 33 15.82 7.46 9.95
N ILE C 34 14.74 8.23 10.03
CA ILE C 34 14.10 8.48 11.32
C ILE C 34 13.55 7.19 11.90
N TRP C 35 12.88 6.38 11.06
CA TRP C 35 12.31 5.13 11.57
C TRP C 35 13.40 4.21 12.07
N GLN C 36 14.50 4.08 11.32
CA GLN C 36 15.62 3.26 11.77
C GLN C 36 16.04 3.66 13.18
N LYS C 37 16.13 4.96 13.45
CA LYS C 37 16.63 5.41 14.74
C LYS C 37 15.62 5.14 15.85
N ILE C 38 14.35 5.48 15.65
CA ILE C 38 13.37 5.27 16.70
C ILE C 38 13.09 3.78 16.93
N ALA C 39 13.09 2.98 15.86
CA ALA C 39 12.90 1.54 16.04
C ALA C 39 14.04 0.93 16.86
N LYS C 40 15.28 1.32 16.56
CA LYS C 40 16.41 0.82 17.35
C LYS C 40 16.28 1.23 18.81
N GLU C 41 15.91 2.50 19.05
N GLU C 41 15.90 2.49 19.06
CA GLU C 41 15.74 2.99 20.42
CA GLU C 41 15.76 2.96 20.44
C GLU C 41 14.75 2.12 21.19
C GLU C 41 14.74 2.15 21.20
N GLU C 42 13.60 1.84 20.59
CA GLU C 42 12.59 1.06 21.29
C GLU C 42 13.03 -0.39 21.45
N PHE C 43 13.72 -0.93 20.45
CA PHE C 43 14.25 -2.29 20.52
C PHE C 43 15.17 -2.46 21.73
N GLU C 44 15.96 -1.44 22.04
CA GLU C 44 16.85 -1.52 23.19
C GLU C 44 16.09 -1.58 24.51
N LYS C 45 14.90 -0.99 24.56
CA LYS C 45 14.15 -0.92 25.80
C LYS C 45 13.29 -2.15 26.03
N SER C 46 12.72 -2.71 24.96
CA SER C 46 11.72 -3.75 25.06
C SER C 46 12.12 -5.05 24.39
N ASN C 47 13.24 -5.07 23.66
CA ASN C 47 13.62 -6.21 22.83
C ASN C 47 12.60 -6.49 21.71
N ILE C 48 11.79 -5.50 21.35
CA ILE C 48 10.88 -5.61 20.20
C ILE C 48 11.38 -4.66 19.12
N TYR C 49 11.74 -5.20 17.97
CA TYR C 49 12.13 -4.40 16.83
C TYR C 49 10.98 -4.36 15.83
N VAL C 50 10.52 -3.17 15.50
CA VAL C 50 9.44 -2.99 14.53
C VAL C 50 10.05 -2.47 13.24
N SER C 51 10.15 -3.33 12.22
CA SER C 51 10.56 -2.88 10.91
C SER C 51 9.39 -2.23 10.18
N ALA C 52 9.70 -1.51 9.10
CA ALA C 52 8.65 -0.84 8.35
C ALA C 52 8.95 -0.86 6.86
N VAL C 53 7.91 -1.13 6.07
CA VAL C 53 7.93 -0.90 4.64
C VAL C 53 7.40 0.50 4.41
N ILE C 54 8.13 1.32 3.65
CA ILE C 54 7.77 2.71 3.43
C ILE C 54 7.52 2.94 1.95
N LYS C 55 6.38 3.56 1.63
CA LYS C 55 5.95 3.77 0.27
C LYS C 55 5.74 5.26 0.00
N PRO C 56 6.08 5.74 -1.20
CA PRO C 56 5.80 7.13 -1.57
C PRO C 56 4.32 7.28 -1.89
N SER C 57 3.83 8.49 -1.64
CA SER C 57 2.41 8.74 -1.84
C SER C 57 2.16 10.24 -1.89
N LYS C 58 0.95 10.58 -2.30
CA LYS C 58 0.37 11.88 -2.01
C LYS C 58 -0.98 11.65 -1.33
N THR C 59 -1.39 12.61 -0.52
CA THR C 59 -2.68 12.52 0.15
C THR C 59 -3.55 13.69 -0.28
N VAL C 60 -4.75 13.38 -0.75
CA VAL C 60 -5.65 14.37 -1.31
C VAL C 60 -6.71 14.71 -0.27
N TYR C 61 -6.79 15.98 0.09
CA TYR C 61 -7.86 16.49 0.93
C TYR C 61 -8.17 17.91 0.47
N ASN C 62 -9.07 18.58 1.18
CA ASN C 62 -9.60 19.84 0.68
C ASN C 62 -8.51 20.90 0.65
N GLN C 63 -8.38 21.60 -0.48
CA GLN C 63 -7.42 22.71 -0.57
C GLN C 63 -7.68 23.76 0.51
N GLU C 64 -8.94 23.92 0.91
CA GLU C 64 -9.27 24.92 1.92
C GLU C 64 -8.60 24.58 3.25
N TRP C 65 -8.34 23.31 3.51
CA TRP C 65 -7.71 22.86 4.75
C TRP C 65 -6.20 22.81 4.63
N GLY C 66 -5.64 23.28 3.52
CA GLY C 66 -4.21 23.38 3.35
C GLY C 66 -3.60 22.40 2.38
N CYS C 67 -4.39 21.53 1.76
CA CYS C 67 -3.83 20.58 0.81
C CYS C 67 -3.42 21.31 -0.46
N PRO C 68 -2.22 21.07 -0.98
CA PRO C 68 -1.87 21.57 -2.31
C PRO C 68 -2.82 20.99 -3.36
N GLU C 69 -2.97 21.71 -4.46
CA GLU C 69 -3.70 21.13 -5.58
C GLU C 69 -3.05 19.81 -5.99
N ASN C 70 -3.87 18.77 -6.17
CA ASN C 70 -3.50 17.42 -6.55
C ASN C 70 -2.97 16.58 -5.40
N GLY C 71 -2.79 17.14 -4.21
CA GLY C 71 -2.41 16.36 -3.04
C GLY C 71 -1.12 16.79 -2.38
N GLU C 72 -0.96 16.40 -1.12
CA GLU C 72 0.21 16.68 -0.31
C GLU C 72 1.13 15.48 -0.32
N GLU C 73 2.43 15.71 -0.47
CA GLU C 73 3.38 14.61 -0.41
C GLU C 73 3.34 13.95 0.96
N THR C 74 3.24 12.62 0.96
CA THR C 74 3.14 11.85 2.20
C THR C 74 3.94 10.56 2.05
N VAL C 75 4.11 9.87 3.18
CA VAL C 75 4.69 8.54 3.20
C VAL C 75 3.74 7.61 3.94
N VAL C 76 3.69 6.36 3.48
CA VAL C 76 2.91 5.32 4.13
C VAL C 76 3.88 4.28 4.66
N LEU C 77 3.77 3.97 5.94
CA LEU C 77 4.61 2.94 6.56
C LEU C 77 3.73 1.79 7.01
N THR C 78 4.15 0.57 6.74
CA THR C 78 3.40 -0.61 7.15
C THR C 78 4.35 -1.63 7.75
N GLY C 79 3.78 -2.53 8.55
CA GLY C 79 4.55 -3.64 9.06
C GLY C 79 3.61 -4.65 9.66
N VAL C 80 4.17 -5.76 10.12
CA VAL C 80 3.36 -6.89 10.55
C VAL C 80 4.08 -7.60 11.68
N ALA C 81 3.32 -8.06 12.66
CA ALA C 81 3.91 -8.77 13.80
C ALA C 81 4.17 -10.21 13.40
N ASN C 82 5.42 -10.64 13.53
CA ASN C 82 5.84 -11.97 13.10
C ASN C 82 6.23 -12.73 14.37
N GLU C 83 5.56 -13.85 14.62
CA GLU C 83 5.84 -14.62 15.83
C GLU C 83 7.30 -15.05 15.94
N GLU C 84 8.04 -15.12 14.84
CA GLU C 84 9.46 -15.42 14.90
C GLU C 84 10.25 -14.34 15.65
N PHE C 85 9.71 -13.12 15.70
CA PHE C 85 10.43 -11.98 16.23
C PHE C 85 9.80 -11.36 17.46
N VAL C 86 8.52 -11.62 17.74
CA VAL C 86 7.86 -11.04 18.90
C VAL C 86 6.89 -12.06 19.49
N ASP C 87 6.87 -12.15 20.82
CA ASP C 87 6.07 -13.17 21.51
C ASP C 87 4.65 -12.72 21.81
N ASP C 88 4.42 -11.42 22.00
CA ASP C 88 3.14 -10.92 22.49
C ASP C 88 2.65 -9.84 21.54
N ILE C 89 1.59 -10.13 20.80
CA ILE C 89 1.06 -9.18 19.83
C ILE C 89 0.59 -7.90 20.50
N GLU C 90 0.05 -8.00 21.72
CA GLU C 90 -0.37 -6.79 22.43
C GLU C 90 0.81 -5.88 22.73
N LYS C 91 1.95 -6.45 23.10
CA LYS C 91 3.13 -5.65 23.35
C LYS C 91 3.66 -5.03 22.07
N TRP C 92 3.63 -5.80 20.97
CA TRP C 92 4.02 -5.25 19.68
C TRP C 92 3.13 -4.06 19.31
N LYS C 93 1.81 -4.22 19.50
CA LYS C 93 0.88 -3.16 19.14
C LYS C 93 1.18 -1.90 19.93
N ASP C 94 1.41 -2.05 21.25
CA ASP C 94 1.75 -0.88 22.06
C ASP C 94 3.06 -0.24 21.62
N THR C 95 4.02 -1.05 21.17
CA THR C 95 5.27 -0.52 20.64
C THR C 95 5.04 0.28 19.36
N VAL C 96 4.19 -0.24 18.45
CA VAL C 96 3.89 0.47 17.22
C VAL C 96 3.26 1.83 17.51
N ILE C 97 2.34 1.85 18.48
CA ILE C 97 1.70 3.11 18.85
C ILE C 97 2.73 4.10 19.38
N LYS C 98 3.65 3.64 20.23
CA LYS C 98 4.72 4.52 20.72
C LYS C 98 5.55 5.06 19.57
N LEU C 99 5.92 4.20 18.61
CA LEU C 99 6.71 4.64 17.48
C LEU C 99 5.95 5.63 16.61
N ALA C 100 4.65 5.38 16.42
CA ALA C 100 3.82 6.29 15.62
C ALA C 100 3.79 7.68 16.24
N LYS C 101 3.63 7.75 17.56
CA LYS C 101 3.61 9.04 18.24
C LYS C 101 4.99 9.71 18.15
N GLU C 102 6.05 8.92 18.25
CA GLU C 102 7.40 9.48 18.11
C GLU C 102 7.63 9.98 16.69
N LEU C 103 7.19 9.21 15.69
CA LEU C 103 7.34 9.65 14.30
C LEU C 103 6.60 10.96 14.07
N LYS C 104 5.38 11.09 14.61
CA LYS C 104 4.64 12.33 14.47
C LYS C 104 5.43 13.51 14.98
N ASN C 105 6.10 13.36 16.12
CA ASN C 105 6.90 14.44 16.67
C ASN C 105 8.13 14.71 15.81
N GLN C 106 8.86 13.65 15.45
CA GLN C 106 10.06 13.82 14.65
C GLN C 106 9.77 14.46 13.30
N MET C 107 8.60 14.17 12.71
CA MET C 107 8.23 14.75 11.43
C MET C 107 7.54 16.10 11.56
N LYS C 108 7.35 16.58 12.79
CA LYS C 108 6.71 17.87 13.07
C LYS C 108 5.33 17.96 12.42
N GLN C 109 4.55 16.89 12.59
CA GLN C 109 3.22 16.80 12.02
C GLN C 109 2.16 17.14 13.05
N SER C 110 1.15 17.91 12.62
CA SER C 110 0.03 18.23 13.51
C SER C 110 -0.82 17.01 13.78
N THR C 111 -0.97 16.12 12.80
CA THR C 111 -1.81 14.93 12.95
C THR C 111 -1.10 13.73 12.35
N LEU C 112 -1.56 12.54 12.72
CA LEU C 112 -1.02 11.32 12.15
C LEU C 112 -2.03 10.20 12.38
N THR C 113 -2.15 9.29 11.42
CA THR C 113 -3.01 8.12 11.56
C THR C 113 -2.18 6.86 11.70
N CYS C 114 -2.66 5.96 12.56
CA CYS C 114 -2.06 4.65 12.72
C CYS C 114 -3.17 3.63 12.81
N GLU C 115 -3.22 2.69 11.87
CA GLU C 115 -4.26 1.68 11.83
C GLU C 115 -3.69 0.30 12.11
N PHE C 116 -4.54 -0.57 12.66
CA PHE C 116 -4.22 -1.97 12.84
C PHE C 116 -5.26 -2.79 12.12
N ILE C 117 -4.80 -3.78 11.36
CA ILE C 117 -5.64 -4.62 10.53
C ILE C 117 -5.29 -6.07 10.84
N GLU C 118 -6.32 -6.90 10.98
CA GLU C 118 -6.09 -8.32 11.18
C GLU C 118 -5.58 -8.96 9.89
N THR C 119 -4.58 -9.81 10.03
CA THR C 119 -3.94 -10.42 8.87
C THR C 119 -3.49 -11.83 9.23
N GLU C 120 -3.27 -12.64 8.21
CA GLU C 120 -2.72 -13.98 8.38
C GLU C 120 -1.37 -14.00 7.68
N LEU C 121 -0.30 -14.14 8.45
CA LEU C 121 1.05 -14.03 7.93
C LEU C 121 1.64 -15.40 7.64
N HIS C 122 2.14 -15.58 6.43
CA HIS C 122 2.96 -16.71 6.06
C HIS C 122 4.38 -16.20 5.88
N TYR C 123 5.31 -16.73 6.65
CA TYR C 123 6.70 -16.29 6.62
C TYR C 123 7.54 -17.44 6.08
N PHE C 124 8.17 -17.23 4.95
CA PHE C 124 8.96 -18.26 4.29
C PHE C 124 10.43 -17.95 4.52
N LYS C 125 11.17 -18.94 5.03
CA LYS C 125 12.57 -18.74 5.34
C LYS C 125 13.36 -19.99 4.96
#